data_4BOW
#
_entry.id   4BOW
#
_cell.length_a   44.459
_cell.length_b   76.495
_cell.length_c   142.941
_cell.angle_alpha   90.00
_cell.angle_beta   90.00
_cell.angle_gamma   90.00
#
_symmetry.space_group_name_H-M   'P 21 21 21'
#
loop_
_entity.id
_entity.type
_entity.pdbx_description
1 polymer 'ENDO-1,3-BETA-GLUCANASE, FAMILY GH16'
2 branched beta-D-glucopyranose-(1-3)-beta-D-glucopyranose-(1-3)-alpha-D-glucopyranose
3 branched beta-D-glucopyranose-(1-3)-beta-D-glucopyranose-(1-3)-beta-D-glucopyranose-(1-3)-beta-D-glucopyranose
4 non-polymer 'CALCIUM ION'
5 non-polymer 'SODIUM ION'
6 non-polymer beta-D-glucopyranose
7 water water
#
_entity_poly.entity_id   1
_entity_poly.type   'polypeptide(L)'
_entity_poly.pdbx_seq_one_letter_code
;HHHHHHGSAFNTLVFSDEFEYEGKPDPEKWHYQVIPPNNGSWHNNELQHYTNRSENSFVSDGTLKIRAIKEKYTFEGSTK
DYTSARLNSKFAFTYGKVEVRAKLPSKKGTWPAIWTLGANSNETGNYFGEQYGNAEWPACGSIDILEQNGWDKESTIAHF
HWSDLNSDEYQNLGGTTPITNASGSFHVYSLEWNASAMKVFLDDTLVYELKNSQNTPYNAPHYLLLNIAMGGTLGGDIPE
NFTDDIFEIDYVRIYQ
;
_entity_poly.pdbx_strand_id   A,B
#
loop_
_chem_comp.id
_chem_comp.type
_chem_comp.name
_chem_comp.formula
BGC D-saccharide, beta linking beta-D-glucopyranose 'C6 H12 O6'
CA non-polymer 'CALCIUM ION' 'Ca 2'
GLC D-saccharide, alpha linking alpha-D-glucopyranose 'C6 H12 O6'
NA non-polymer 'SODIUM ION' 'Na 1'
#
# COMPACT_ATOMS: atom_id res chain seq x y z
N ALA A 9 6.43 6.38 -18.23
CA ALA A 9 5.69 5.23 -17.59
C ALA A 9 4.43 5.78 -16.91
N PHE A 10 4.48 7.01 -16.47
CA PHE A 10 3.46 7.53 -15.47
C PHE A 10 2.52 8.50 -16.21
N ASN A 11 1.59 7.96 -16.94
CA ASN A 11 0.98 8.86 -17.89
C ASN A 11 -0.45 9.23 -17.58
N THR A 12 -1.00 8.77 -16.47
CA THR A 12 -2.37 9.07 -16.21
C THR A 12 -2.42 10.08 -15.03
N LEU A 13 -3.01 11.24 -15.25
CA LEU A 13 -3.14 12.22 -14.22
C LEU A 13 -4.17 11.76 -13.21
N VAL A 14 -3.78 11.68 -11.93
CA VAL A 14 -4.73 11.19 -10.89
C VAL A 14 -5.07 12.24 -9.83
N PHE A 15 -4.25 13.28 -9.71
CA PHE A 15 -4.53 14.36 -8.71
C PHE A 15 -3.81 15.58 -9.21
N SER A 16 -4.49 16.77 -9.12
CA SER A 16 -3.70 17.97 -9.43
C SER A 16 -4.37 19.15 -8.79
N ASP A 17 -3.55 20.18 -8.55
CA ASP A 17 -4.15 21.50 -8.29
C ASP A 17 -3.32 22.50 -9.03
N GLU A 18 -3.98 23.18 -9.99
CA GLU A 18 -3.29 24.23 -10.71
C GLU A 18 -3.42 25.60 -10.05
N PHE A 19 -4.21 25.71 -8.98
CA PHE A 19 -4.29 26.95 -8.17
C PHE A 19 -4.84 28.12 -9.00
N GLU A 20 -5.76 27.84 -9.88
N GLU A 20 -5.76 27.84 -9.94
CA GLU A 20 -6.31 28.91 -10.75
CA GLU A 20 -6.24 28.95 -10.82
C GLU A 20 -7.69 29.21 -10.17
C GLU A 20 -7.38 29.79 -10.20
N TYR A 21 -7.72 29.54 -8.92
CA TYR A 21 -8.89 30.09 -8.26
C TYR A 21 -8.35 31.10 -7.22
N GLU A 22 -9.28 31.67 -6.45
CA GLU A 22 -8.91 32.68 -5.45
CA GLU A 22 -8.87 32.69 -5.45
C GLU A 22 -9.42 32.27 -4.11
N GLY A 23 -8.58 32.35 -3.09
CA GLY A 23 -9.07 32.15 -1.73
C GLY A 23 -8.32 31.06 -1.06
N LYS A 24 -8.99 30.31 -0.20
CA LYS A 24 -8.33 29.27 0.53
C LYS A 24 -7.94 28.10 -0.42
N PRO A 25 -6.83 27.42 -0.13
CA PRO A 25 -6.59 26.13 -0.81
C PRO A 25 -7.88 25.24 -0.83
N ASP A 26 -8.09 24.63 -1.99
CA ASP A 26 -9.34 23.90 -2.22
C ASP A 26 -9.54 22.88 -1.08
N PRO A 27 -10.60 23.00 -0.29
CA PRO A 27 -10.76 22.09 0.82
C PRO A 27 -11.11 20.67 0.36
N GLU A 28 -11.48 20.37 -0.91
CA GLU A 28 -11.64 19.01 -1.38
C GLU A 28 -10.25 18.36 -1.53
N LYS A 29 -9.16 19.16 -1.61
N LYS A 29 -9.18 19.16 -1.59
CA LYS A 29 -7.83 18.65 -2.00
CA LYS A 29 -7.86 18.63 -1.96
C LYS A 29 -6.85 18.72 -0.83
C LYS A 29 -6.81 18.79 -0.89
N TRP A 30 -7.06 19.73 0.04
CA TRP A 30 -6.00 20.08 1.06
C TRP A 30 -6.55 20.12 2.44
N HIS A 31 -5.82 19.52 3.35
CA HIS A 31 -6.10 19.52 4.78
C HIS A 31 -5.08 20.34 5.52
N TYR A 32 -5.48 21.21 6.40
CA TYR A 32 -4.51 21.92 7.27
C TYR A 32 -4.16 21.18 8.53
N GLN A 33 -2.90 21.23 8.89
CA GLN A 33 -2.50 20.83 10.27
C GLN A 33 -2.33 22.08 11.08
N VAL A 34 -2.96 22.07 12.24
CA VAL A 34 -2.86 23.17 13.23
C VAL A 34 -2.53 22.69 14.62
N ILE A 35 -2.81 21.43 14.98
CA ILE A 35 -2.56 20.94 16.40
C ILE A 35 -1.08 20.53 16.44
N PRO A 36 -0.29 21.09 17.34
CA PRO A 36 1.08 20.66 17.44
C PRO A 36 1.18 19.20 17.95
N PRO A 37 2.11 18.41 17.41
CA PRO A 37 2.21 17.01 17.77
C PRO A 37 2.97 16.76 19.08
N ASN A 38 3.70 17.71 19.62
CA ASN A 38 4.73 17.39 20.69
C ASN A 38 4.44 18.41 21.84
N ASN A 39 3.32 18.20 22.58
CA ASN A 39 3.12 19.05 23.80
C ASN A 39 3.24 20.54 23.54
N GLY A 40 2.49 21.04 22.55
CA GLY A 40 2.46 22.46 22.27
C GLY A 40 3.43 22.88 21.19
N SER A 41 4.35 22.00 20.78
CA SER A 41 5.34 22.34 19.70
C SER A 41 5.35 21.35 18.57
N TRP A 42 5.98 21.81 17.49
CA TRP A 42 6.31 20.90 16.35
C TRP A 42 7.62 20.19 16.67
N HIS A 43 8.02 19.33 15.75
CA HIS A 43 9.27 18.57 15.98
C HIS A 43 10.50 19.36 15.55
N ASN A 44 11.69 18.78 15.69
CA ASN A 44 12.90 19.36 15.16
C ASN A 44 13.28 20.71 15.79
N ASN A 45 12.78 20.96 16.98
CA ASN A 45 13.04 22.28 17.65
C ASN A 45 12.55 23.43 16.81
N GLU A 46 11.53 23.19 15.95
CA GLU A 46 11.03 24.29 15.09
C GLU A 46 10.28 25.30 15.95
N LEU A 47 10.21 26.54 15.44
CA LEU A 47 9.71 27.69 16.27
C LEU A 47 8.35 28.23 15.92
N GLN A 48 7.69 27.66 14.90
CA GLN A 48 6.39 28.15 14.45
C GLN A 48 5.20 27.41 15.05
N HIS A 49 4.04 28.05 15.01
CA HIS A 49 2.78 27.34 14.92
C HIS A 49 2.32 27.39 13.51
N TYR A 50 1.50 26.35 13.14
CA TYR A 50 0.86 26.31 11.85
C TYR A 50 -0.61 26.61 12.02
N THR A 51 -1.14 27.41 11.09
CA THR A 51 -2.54 27.88 11.20
C THR A 51 -3.22 27.70 9.89
N ASN A 52 -4.54 27.81 9.92
CA ASN A 52 -5.30 27.75 8.65
C ASN A 52 -5.76 29.11 8.14
N ARG A 53 -5.14 30.17 8.63
CA ARG A 53 -5.60 31.52 8.34
C ARG A 53 -5.03 32.09 7.08
N SER A 54 -5.72 33.10 6.49
CA SER A 54 -5.19 33.77 5.30
C SER A 54 -3.84 34.42 5.51
N GLU A 55 -3.43 34.71 6.77
CA GLU A 55 -2.06 35.18 7.05
C GLU A 55 -1.06 34.19 6.43
N ASN A 56 -1.32 32.86 6.55
CA ASN A 56 -0.25 31.93 6.24
C ASN A 56 -0.45 31.11 5.05
N SER A 57 -1.60 31.20 4.32
CA SER A 57 -1.73 30.53 3.04
C SER A 57 -2.90 31.15 2.34
N PHE A 58 -2.78 31.19 1.03
CA PHE A 58 -3.83 31.83 0.18
C PHE A 58 -3.50 31.52 -1.28
N VAL A 59 -4.49 31.54 -2.16
CA VAL A 59 -4.33 31.24 -3.57
C VAL A 59 -4.73 32.48 -4.34
N SER A 60 -3.90 32.93 -5.23
CA SER A 60 -4.24 34.13 -6.06
C SER A 60 -3.36 34.16 -7.27
N ASP A 61 -3.85 34.79 -8.34
CA ASP A 61 -2.93 35.03 -9.52
C ASP A 61 -2.26 33.67 -10.03
N GLY A 62 -3.00 32.59 -9.92
CA GLY A 62 -2.56 31.25 -10.40
C GLY A 62 -1.59 30.47 -9.55
N THR A 63 -1.37 30.92 -8.34
CA THR A 63 -0.39 30.25 -7.47
C THR A 63 -0.83 30.21 -6.01
N LEU A 64 -0.49 29.09 -5.34
CA LEU A 64 -0.61 28.96 -3.90
C LEU A 64 0.57 29.68 -3.28
N LYS A 65 0.36 30.47 -2.21
CA LYS A 65 1.40 30.94 -1.35
C LYS A 65 1.22 30.37 0.02
N ILE A 66 2.32 29.86 0.61
CA ILE A 66 2.45 29.62 2.06
C ILE A 66 3.36 30.72 2.57
N ARG A 67 2.93 31.35 3.63
CA ARG A 67 3.66 32.53 4.13
C ARG A 67 3.97 32.34 5.60
N ALA A 68 5.28 32.41 5.96
CA ALA A 68 5.72 32.34 7.35
C ALA A 68 5.86 33.78 7.80
N ILE A 69 5.55 34.05 9.05
CA ILE A 69 5.48 35.45 9.54
C ILE A 69 6.01 35.45 10.97
N LYS A 70 6.86 36.46 11.29
CA LYS A 70 7.19 36.68 12.70
C LYS A 70 5.97 37.37 13.38
N GLU A 71 5.31 36.63 14.27
CA GLU A 71 3.97 37.02 14.78
C GLU A 71 3.83 36.21 16.09
N LYS A 72 3.44 36.83 17.21
CA LYS A 72 3.16 36.05 18.41
C LYS A 72 1.83 35.41 18.21
N TYR A 73 1.81 34.12 18.47
CA TYR A 73 0.57 33.35 18.23
C TYR A 73 0.46 32.28 19.29
N THR A 74 -0.76 32.17 19.87
CA THR A 74 -0.91 31.15 20.93
C THR A 74 -1.99 30.18 20.50
N PHE A 75 -1.70 28.88 20.63
CA PHE A 75 -2.69 27.83 20.36
C PHE A 75 -2.72 26.94 21.59
N GLU A 76 -3.92 26.83 22.23
CA GLU A 76 -4.11 25.91 23.38
CA GLU A 76 -4.12 25.95 23.38
C GLU A 76 -3.02 26.06 24.46
N GLY A 77 -2.74 27.32 24.78
CA GLY A 77 -1.83 27.66 25.90
C GLY A 77 -0.37 27.67 25.46
N SER A 78 -0.05 27.38 24.20
CA SER A 78 1.38 27.35 23.80
C SER A 78 1.61 28.56 22.86
N THR A 79 2.52 29.44 23.25
CA THR A 79 2.81 30.63 22.47
C THR A 79 4.10 30.42 21.67
N LYS A 80 4.06 30.74 20.38
CA LYS A 80 5.24 30.77 19.53
C LYS A 80 5.41 32.17 18.93
N ASP A 81 6.59 32.40 18.35
CA ASP A 81 6.91 33.70 17.78
C ASP A 81 6.80 33.78 16.26
N TYR A 82 6.39 32.68 15.60
CA TYR A 82 6.24 32.61 14.16
C TYR A 82 4.99 31.80 13.87
N THR A 83 4.38 32.14 12.74
CA THR A 83 3.26 31.39 12.21
C THR A 83 3.56 31.01 10.76
N SER A 84 2.96 29.88 10.33
CA SER A 84 3.14 29.40 8.94
C SER A 84 1.96 28.49 8.64
N ALA A 85 2.07 27.73 7.54
CA ALA A 85 1.03 26.72 7.23
C ALA A 85 1.75 25.40 6.86
N ARG A 86 1.00 24.33 7.09
CA ARG A 86 1.42 22.95 6.82
C ARG A 86 0.16 22.30 6.26
N LEU A 87 0.23 22.07 4.96
CA LEU A 87 -0.85 21.40 4.22
C LEU A 87 -0.58 19.96 4.03
N ASN A 88 -1.62 19.15 3.97
CA ASN A 88 -1.48 17.72 3.60
C ASN A 88 -2.48 17.49 2.48
N SER A 89 -2.09 16.70 1.48
CA SER A 89 -3.09 16.33 0.45
C SER A 89 -4.11 15.39 1.06
N LYS A 90 -5.38 15.61 0.68
N LYS A 90 -5.39 15.59 0.59
CA LYS A 90 -6.47 14.66 1.01
CA LYS A 90 -6.48 14.66 0.94
C LYS A 90 -6.62 13.68 -0.15
C LYS A 90 -6.39 13.38 0.10
N PHE A 91 -5.55 13.44 -0.85
CA PHE A 91 -5.30 12.35 -1.79
C PHE A 91 -4.13 11.51 -1.26
N ALA A 92 -4.33 10.19 -1.15
CA ALA A 92 -3.29 9.30 -0.73
C ALA A 92 -3.04 8.34 -1.91
N PHE A 93 -1.79 7.97 -2.12
CA PHE A 93 -1.45 7.21 -3.32
C PHE A 93 -0.25 6.35 -3.11
N THR A 94 -0.23 5.23 -3.89
CA THR A 94 0.91 4.30 -3.77
C THR A 94 1.50 4.25 -5.20
N TYR A 95 2.78 4.71 -5.31
CA TYR A 95 3.54 4.87 -6.54
C TYR A 95 3.02 6.04 -7.39
N GLY A 96 3.87 6.61 -8.21
CA GLY A 96 3.43 7.63 -9.15
C GLY A 96 4.55 8.64 -9.38
N LYS A 97 4.26 9.65 -10.17
CA LYS A 97 5.20 10.72 -10.48
C LYS A 97 4.54 11.99 -9.96
N VAL A 98 5.19 12.61 -9.02
CA VAL A 98 4.72 13.88 -8.38
C VAL A 98 5.55 15.00 -8.93
N GLU A 99 4.90 16.06 -9.39
CA GLU A 99 5.61 17.24 -9.92
C GLU A 99 5.07 18.48 -9.21
N VAL A 100 5.96 19.26 -8.64
CA VAL A 100 5.53 20.54 -8.00
C VAL A 100 6.42 21.65 -8.52
N ARG A 101 5.77 22.65 -9.14
CA ARG A 101 6.54 23.79 -9.71
C ARG A 101 6.48 24.94 -8.72
N ALA A 102 7.62 25.49 -8.30
CA ALA A 102 7.61 26.39 -7.16
C ALA A 102 8.80 27.35 -7.18
N LYS A 103 8.62 28.43 -6.41
CA LYS A 103 9.66 29.36 -6.00
C LYS A 103 9.81 29.26 -4.48
N LEU A 104 11.04 29.19 -4.03
CA LEU A 104 11.29 28.94 -2.64
C LEU A 104 11.54 30.22 -1.84
N PRO A 105 11.35 30.24 -0.50
CA PRO A 105 11.67 31.44 0.29
C PRO A 105 13.14 31.73 0.19
N SER A 106 13.47 33.00 0.12
CA SER A 106 14.90 33.44 0.05
C SER A 106 15.48 33.71 1.38
N LYS A 107 14.69 33.91 2.44
CA LYS A 107 15.23 34.46 3.68
C LYS A 107 15.87 33.48 4.62
N LYS A 108 16.91 33.90 5.31
CA LYS A 108 17.55 33.06 6.28
C LYS A 108 16.57 32.65 7.39
N GLY A 109 16.72 31.41 7.84
CA GLY A 109 15.87 30.90 8.88
C GLY A 109 14.67 30.06 8.41
N THR A 110 14.37 30.18 7.10
CA THR A 110 13.19 29.48 6.52
C THR A 110 13.61 28.06 6.14
N TRP A 111 12.67 27.11 6.31
CA TRP A 111 12.89 25.68 6.00
C TRP A 111 11.65 25.16 5.25
N PRO A 112 11.58 25.42 3.94
CA PRO A 112 10.45 24.92 3.13
C PRO A 112 10.62 23.43 2.87
N ALA A 113 9.50 22.72 2.64
CA ALA A 113 9.58 21.36 2.22
C ALA A 113 8.38 20.96 1.42
N ILE A 114 8.69 20.00 0.51
CA ILE A 114 7.72 19.27 -0.27
C ILE A 114 8.05 17.81 0.05
N TRP A 115 7.16 17.05 0.68
CA TRP A 115 7.55 15.72 1.13
C TRP A 115 6.33 14.85 1.28
N THR A 116 6.56 13.61 1.68
CA THR A 116 5.47 12.69 1.88
C THR A 116 5.59 11.97 3.21
N LEU A 117 4.49 11.47 3.74
CA LEU A 117 4.45 10.57 4.90
C LEU A 117 3.61 9.39 4.48
N GLY A 118 3.99 8.17 4.93
CA GLY A 118 3.02 7.05 4.79
C GLY A 118 1.68 7.44 5.45
N ALA A 119 0.60 7.04 4.78
CA ALA A 119 -0.71 7.38 5.30
C ALA A 119 -1.10 6.62 6.56
N ASN A 120 -0.31 5.60 6.93
CA ASN A 120 -0.48 4.99 8.24
C ASN A 120 0.31 5.73 9.33
N SER A 121 0.79 6.94 9.09
CA SER A 121 1.54 7.69 10.09
C SER A 121 0.73 7.90 11.35
N ASN A 122 -0.58 8.11 11.20
CA ASN A 122 -1.32 8.52 12.33
C ASN A 122 -0.72 9.74 13.13
N GLU A 123 -0.17 10.69 12.36
CA GLU A 123 0.35 11.88 12.99
C GLU A 123 -0.85 12.63 13.56
N THR A 124 -0.67 13.25 14.72
CA THR A 124 -1.74 14.03 15.29
C THR A 124 -2.28 15.06 14.33
N GLY A 125 -3.59 15.09 14.22
CA GLY A 125 -4.23 16.20 13.50
C GLY A 125 -4.03 16.09 12.02
N ASN A 126 -3.68 14.90 11.50
CA ASN A 126 -3.62 14.71 10.07
C ASN A 126 -4.97 14.22 9.57
N TYR A 127 -5.08 13.85 8.31
CA TYR A 127 -6.41 13.61 7.71
C TYR A 127 -6.83 12.12 7.75
N PHE A 128 -5.86 11.21 7.90
CA PHE A 128 -6.15 9.80 7.69
C PHE A 128 -6.22 9.02 8.99
N GLY A 129 -5.72 9.56 10.10
CA GLY A 129 -5.82 8.83 11.42
C GLY A 129 -5.30 7.43 11.33
N GLU A 130 -6.05 6.46 11.87
CA GLU A 130 -5.68 5.08 11.84
C GLU A 130 -6.38 4.32 10.69
N GLN A 131 -6.87 4.99 9.62
CA GLN A 131 -7.50 4.27 8.49
C GLN A 131 -6.66 3.13 7.94
N TYR A 132 -5.38 3.40 7.71
CA TYR A 132 -4.47 2.45 7.06
C TYR A 132 -3.61 1.67 8.06
N GLY A 133 -3.50 2.10 9.32
CA GLY A 133 -2.62 1.47 10.29
C GLY A 133 -2.27 2.57 11.29
N ASN A 134 -1.21 2.24 12.01
CA ASN A 134 -0.74 3.13 13.09
C ASN A 134 0.73 2.88 13.24
N ALA A 135 1.56 3.41 12.32
CA ALA A 135 3.00 3.13 12.18
C ALA A 135 3.70 4.46 12.52
N GLU A 136 4.10 4.61 13.80
CA GLU A 136 4.70 5.90 14.21
C GLU A 136 6.00 6.12 13.45
N TRP A 137 6.14 7.37 13.00
CA TRP A 137 7.35 7.75 12.22
C TRP A 137 8.57 7.30 13.02
N PRO A 138 9.59 6.68 12.36
CA PRO A 138 9.78 6.61 10.91
C PRO A 138 9.22 5.35 10.29
N ALA A 139 8.44 4.55 11.06
CA ALA A 139 8.02 3.26 10.45
C ALA A 139 6.98 3.44 9.33
N CYS A 140 6.30 4.58 9.29
CA CYS A 140 5.38 4.88 8.20
C CYS A 140 6.10 5.27 6.87
N GLY A 141 7.38 5.63 6.93
CA GLY A 141 8.18 6.10 5.85
C GLY A 141 7.90 7.55 5.51
N SER A 142 8.91 8.17 4.90
CA SER A 142 8.80 9.45 4.29
CA SER A 142 8.84 9.55 4.33
C SER A 142 9.77 9.68 3.18
N ILE A 143 9.35 10.47 2.20
CA ILE A 143 10.18 10.83 1.05
C ILE A 143 10.28 12.33 1.08
N ASP A 144 11.46 12.94 1.11
CA ASP A 144 11.58 14.40 0.90
C ASP A 144 11.85 14.71 -0.54
N ILE A 145 10.89 15.30 -1.25
CA ILE A 145 11.08 15.70 -2.66
C ILE A 145 11.93 17.00 -2.70
N LEU A 146 11.71 17.90 -1.74
CA LEU A 146 12.47 19.11 -1.68
C LEU A 146 12.59 19.52 -0.25
N GLU A 147 13.76 19.87 0.24
CA GLU A 147 13.95 20.73 1.42
C GLU A 147 15.03 21.71 1.09
N GLN A 148 14.94 22.90 1.72
CA GLN A 148 16.13 23.78 1.81
C GLN A 148 16.33 24.11 3.24
N ASN A 149 17.60 24.13 3.63
CA ASN A 149 17.91 24.63 4.96
C ASN A 149 17.92 26.18 5.00
N GLY A 150 18.08 26.76 6.16
CA GLY A 150 18.00 28.21 6.33
C GLY A 150 19.23 28.97 5.86
N TRP A 151 20.39 28.27 5.76
CA TRP A 151 21.66 29.01 5.69
C TRP A 151 22.29 28.85 4.34
N ASP A 152 21.75 27.99 3.50
CA ASP A 152 22.33 27.76 2.17
C ASP A 152 21.18 27.63 1.11
N LYS A 153 20.79 28.76 0.52
CA LYS A 153 19.70 28.79 -0.43
C LYS A 153 20.18 28.45 -1.84
N GLU A 154 21.46 28.07 -1.97
CA GLU A 154 22.02 27.66 -3.25
C GLU A 154 22.15 26.16 -3.41
N SER A 155 21.52 25.43 -2.47
CA SER A 155 21.52 23.97 -2.54
C SER A 155 20.12 23.47 -2.22
N THR A 156 19.66 22.38 -2.84
CA THR A 156 18.42 21.68 -2.36
C THR A 156 18.74 20.29 -1.88
N ILE A 157 17.84 19.77 -1.09
CA ILE A 157 17.98 18.47 -0.42
C ILE A 157 16.90 17.52 -0.91
N ALA A 158 17.25 16.24 -1.07
CA ALA A 158 16.23 15.15 -1.28
C ALA A 158 16.66 14.16 -0.22
N HIS A 159 15.74 13.53 0.45
CA HIS A 159 16.09 12.68 1.52
C HIS A 159 15.05 11.66 1.81
N PHE A 160 15.40 10.58 2.44
CA PHE A 160 14.44 9.51 2.79
C PHE A 160 14.61 9.15 4.23
N HIS A 161 13.52 8.95 4.95
CA HIS A 161 13.57 8.57 6.31
C HIS A 161 12.65 7.38 6.51
N TRP A 162 13.15 6.24 7.06
CA TRP A 162 12.28 5.13 7.29
C TRP A 162 12.92 4.12 8.21
N SER A 163 12.09 3.23 8.72
CA SER A 163 12.66 1.98 9.30
C SER A 163 12.16 0.82 8.53
N ASP A 164 12.99 -0.24 8.38
CA ASP A 164 12.59 -1.37 7.58
C ASP A 164 11.43 -2.08 8.33
N LEU A 165 10.61 -2.80 7.60
CA LEU A 165 9.46 -3.45 8.18
CA LEU A 165 9.45 -3.41 8.19
C LEU A 165 9.92 -4.52 9.15
N ASN A 166 11.08 -5.10 8.88
CA ASN A 166 11.50 -6.16 9.82
C ASN A 166 12.52 -5.61 10.83
N SER A 167 12.41 -4.30 11.18
CA SER A 167 13.41 -3.58 11.98
C SER A 167 12.91 -2.35 12.73
N ASP A 168 13.58 -2.04 13.83
CA ASP A 168 13.36 -0.73 14.44
CA ASP A 168 13.43 -0.77 14.54
C ASP A 168 14.57 0.15 14.11
N GLU A 169 15.41 -0.29 13.16
CA GLU A 169 16.61 0.50 12.76
C GLU A 169 16.20 1.72 11.89
N TYR A 170 16.48 2.91 12.39
CA TYR A 170 16.08 4.10 11.70
C TYR A 170 17.13 4.40 10.65
N GLN A 171 16.69 4.55 9.40
CA GLN A 171 17.56 4.94 8.33
CA GLN A 171 17.53 4.85 8.19
C GLN A 171 17.25 6.24 7.68
N ASN A 172 18.29 6.97 7.30
CA ASN A 172 18.08 8.22 6.76
C ASN A 172 19.19 8.61 5.87
N LEU A 173 18.87 8.82 4.61
CA LEU A 173 19.94 9.13 3.67
C LEU A 173 19.41 9.92 2.53
N GLY A 174 20.30 10.49 1.77
CA GLY A 174 19.84 11.27 0.60
C GLY A 174 20.96 12.03 -0.03
N GLY A 175 20.63 13.09 -0.76
CA GLY A 175 21.65 13.86 -1.43
C GLY A 175 21.24 15.31 -1.53
N THR A 176 22.09 16.09 -2.16
CA THR A 176 21.82 17.50 -2.41
C THR A 176 22.22 17.88 -3.81
N THR A 177 21.82 19.02 -4.32
CA THR A 177 22.24 19.48 -5.60
C THR A 177 22.28 21.00 -5.63
N PRO A 178 23.09 21.61 -6.48
CA PRO A 178 23.07 23.09 -6.52
C PRO A 178 21.85 23.60 -7.22
N ILE A 179 21.43 24.78 -6.84
CA ILE A 179 20.30 25.43 -7.54
C ILE A 179 20.65 26.90 -7.61
N THR A 180 20.18 27.50 -8.69
CA THR A 180 20.35 28.89 -9.05
C THR A 180 19.00 29.55 -9.00
N ASN A 181 18.97 30.68 -8.30
CA ASN A 181 17.78 31.50 -8.31
C ASN A 181 16.55 30.72 -7.84
N ALA A 182 16.68 30.05 -6.71
CA ALA A 182 15.57 29.24 -6.21
C ALA A 182 14.32 30.09 -5.88
N SER A 183 14.52 31.34 -5.46
CA SER A 183 13.41 32.20 -5.02
C SER A 183 12.86 33.01 -6.14
N GLY A 184 13.71 33.31 -7.15
CA GLY A 184 13.22 34.26 -8.23
C GLY A 184 12.77 33.56 -9.50
N SER A 185 13.01 32.24 -9.62
CA SER A 185 12.73 31.53 -10.85
C SER A 185 12.01 30.21 -10.45
N PHE A 186 10.93 29.87 -11.10
CA PHE A 186 10.30 28.56 -10.82
C PHE A 186 11.22 27.41 -11.25
N HIS A 187 11.22 26.38 -10.43
CA HIS A 187 11.82 25.08 -10.76
C HIS A 187 10.76 24.02 -10.52
N VAL A 188 10.97 22.85 -11.15
CA VAL A 188 10.07 21.70 -10.90
C VAL A 188 10.79 20.67 -10.06
N TYR A 189 10.19 20.40 -8.91
CA TYR A 189 10.70 19.42 -7.94
C TYR A 189 9.87 18.17 -8.15
N SER A 190 10.50 17.00 -8.39
CA SER A 190 9.69 15.85 -8.75
C SER A 190 10.20 14.56 -8.12
N LEU A 191 9.25 13.63 -8.00
CA LEU A 191 9.47 12.26 -7.58
C LEU A 191 8.94 11.28 -8.55
N GLU A 192 9.72 10.24 -8.89
CA GLU A 192 9.18 9.09 -9.65
C GLU A 192 9.33 7.88 -8.73
N TRP A 193 8.20 7.31 -8.36
CA TRP A 193 8.15 6.28 -7.35
C TRP A 193 7.44 5.06 -7.89
N ASN A 194 8.09 3.90 -7.87
CA ASN A 194 7.43 2.68 -8.23
C ASN A 194 7.95 1.56 -7.35
N ALA A 195 7.56 0.29 -7.64
CA ALA A 195 8.01 -0.82 -6.81
C ALA A 195 9.53 -1.02 -6.86
N SER A 196 10.13 -0.51 -7.96
CA SER A 196 11.58 -0.69 -8.18
CA SER A 196 11.58 -0.69 -8.17
C SER A 196 12.45 0.37 -7.47
N ALA A 197 12.00 1.64 -7.49
CA ALA A 197 12.90 2.70 -6.96
C ALA A 197 12.10 3.97 -6.76
N MET A 198 12.74 4.85 -5.96
CA MET A 198 12.22 6.24 -5.72
CA MET A 198 12.22 6.23 -5.79
C MET A 198 13.33 7.17 -6.27
N LYS A 199 13.01 8.03 -7.22
CA LYS A 199 13.98 8.95 -7.79
C LYS A 199 13.49 10.38 -7.54
N VAL A 200 14.34 11.24 -7.01
CA VAL A 200 13.95 12.66 -6.79
C VAL A 200 14.82 13.53 -7.70
N PHE A 201 14.15 14.43 -8.41
CA PHE A 201 14.80 15.33 -9.34
C PHE A 201 14.57 16.77 -9.05
N LEU A 202 15.55 17.57 -9.44
CA LEU A 202 15.36 19.04 -9.56
C LEU A 202 15.45 19.33 -11.04
N ASP A 203 14.37 19.79 -11.66
CA ASP A 203 14.29 19.90 -13.12
C ASP A 203 14.75 18.52 -13.67
N ASP A 204 15.79 18.48 -14.55
CA ASP A 204 16.21 17.21 -15.12
C ASP A 204 17.37 16.57 -14.33
N THR A 205 17.82 17.09 -13.22
CA THR A 205 18.97 16.56 -12.48
C THR A 205 18.46 15.62 -11.42
N LEU A 206 19.04 14.42 -11.33
CA LEU A 206 18.74 13.48 -10.25
C LEU A 206 19.41 13.94 -9.00
N VAL A 207 18.65 14.15 -7.95
CA VAL A 207 19.22 14.51 -6.69
C VAL A 207 19.52 13.21 -5.90
N TYR A 208 18.62 12.25 -5.90
CA TYR A 208 18.93 10.97 -5.22
C TYR A 208 18.01 9.90 -5.75
N GLU A 209 18.47 8.65 -5.83
CA GLU A 209 17.63 7.49 -6.16
C GLU A 209 17.88 6.48 -5.13
N LEU A 210 16.80 6.00 -4.49
CA LEU A 210 16.86 4.88 -3.55
C LEU A 210 16.13 3.70 -4.09
N LYS A 211 16.79 2.52 -4.08
CA LYS A 211 16.13 1.28 -4.49
C LYS A 211 14.99 0.93 -3.53
N ASN A 212 13.86 0.53 -4.08
CA ASN A 212 12.73 0.11 -3.24
C ASN A 212 12.76 -1.41 -3.02
N SER A 213 12.07 -1.90 -2.02
CA SER A 213 11.96 -3.32 -1.82
C SER A 213 10.74 -3.50 -0.90
N GLN A 214 10.35 -4.74 -0.75
CA GLN A 214 9.18 -5.04 0.11
C GLN A 214 9.47 -4.82 1.58
N ASN A 215 10.75 -4.76 1.97
CA ASN A 215 11.09 -4.55 3.33
C ASN A 215 10.95 -3.09 3.75
N THR A 216 10.40 -2.23 2.90
CA THR A 216 10.36 -0.81 3.19
C THR A 216 8.92 -0.32 3.26
N PRO A 217 8.71 0.84 3.86
CA PRO A 217 7.33 1.35 3.95
C PRO A 217 6.97 2.18 2.67
N TYR A 218 7.57 1.91 1.56
CA TYR A 218 7.30 2.67 0.37
C TYR A 218 6.52 1.81 -0.61
N ASN A 219 5.60 0.97 -0.12
CA ASN A 219 4.73 0.15 -1.03
C ASN A 219 3.31 0.21 -0.57
N ALA A 220 2.94 1.26 0.13
CA ALA A 220 1.56 1.46 0.63
C ALA A 220 1.31 2.98 0.52
N PRO A 221 0.09 3.46 0.77
CA PRO A 221 -0.22 4.84 0.38
C PRO A 221 0.58 5.83 1.20
N HIS A 222 0.99 6.90 0.49
CA HIS A 222 1.56 8.12 1.11
C HIS A 222 0.69 9.32 0.81
N TYR A 223 0.80 10.38 1.61
CA TYR A 223 0.19 11.67 1.23
C TYR A 223 1.27 12.74 1.17
N LEU A 224 0.97 13.84 0.49
CA LEU A 224 1.96 14.91 0.28
C LEU A 224 1.81 15.96 1.39
N LEU A 225 2.90 16.57 1.75
CA LEU A 225 2.94 17.72 2.67
C LEU A 225 3.68 18.88 2.02
N LEU A 226 3.17 20.09 2.31
CA LEU A 226 3.77 21.32 1.85
C LEU A 226 3.85 22.24 3.08
N ASN A 227 5.02 22.84 3.36
CA ASN A 227 5.10 23.68 4.58
C ASN A 227 6.30 24.59 4.48
N ILE A 228 6.30 25.62 5.38
CA ILE A 228 7.55 26.32 5.74
C ILE A 228 7.70 26.25 7.25
N ALA A 229 8.72 25.51 7.71
CA ALA A 229 9.05 25.57 9.14
C ALA A 229 9.99 26.76 9.32
N MET A 230 10.01 27.28 10.54
CA MET A 230 10.96 28.35 10.96
C MET A 230 11.92 27.85 12.02
N GLY A 231 13.23 28.10 11.78
CA GLY A 231 14.25 27.69 12.80
C GLY A 231 14.25 26.17 12.84
N GLY A 232 14.66 25.68 14.00
CA GLY A 232 14.82 24.26 14.13
C GLY A 232 16.05 23.71 13.43
N THR A 233 16.07 22.38 13.34
CA THR A 233 17.31 21.69 12.94
C THR A 233 17.83 22.22 11.61
N LEU A 234 16.97 22.37 10.57
CA LEU A 234 17.40 22.84 9.22
C LEU A 234 17.07 24.28 9.00
N GLY A 235 16.16 24.90 9.78
CA GLY A 235 15.95 26.35 9.63
C GLY A 235 17.15 27.15 10.12
N GLY A 236 17.64 26.73 11.28
CA GLY A 236 18.81 27.45 11.86
C GLY A 236 18.40 28.76 12.48
N ASP A 237 19.36 29.66 12.69
CA ASP A 237 19.05 30.97 13.27
C ASP A 237 18.24 31.85 12.35
N ILE A 238 17.27 32.53 12.94
CA ILE A 238 16.41 33.41 12.23
C ILE A 238 16.90 34.82 12.52
N PRO A 239 17.15 35.68 11.49
CA PRO A 239 17.55 37.10 11.76
C PRO A 239 16.52 37.82 12.62
N GLU A 240 16.99 38.68 13.54
CA GLU A 240 16.07 39.44 14.44
C GLU A 240 15.04 40.27 13.63
N ASN A 241 15.48 40.70 12.47
CA ASN A 241 14.65 41.56 11.62
C ASN A 241 13.65 40.82 10.73
N PHE A 242 13.60 39.49 10.88
CA PHE A 242 12.68 38.75 9.94
C PHE A 242 11.25 39.26 10.08
N THR A 243 10.61 39.47 8.92
CA THR A 243 9.20 39.89 8.88
C THR A 243 8.32 38.74 8.35
N ASP A 244 8.49 38.42 7.09
CA ASP A 244 7.69 37.31 6.52
C ASP A 244 8.37 36.84 5.28
N ASP A 245 7.96 35.67 4.81
CA ASP A 245 8.48 35.15 3.51
C ASP A 245 7.55 34.12 2.93
N ILE A 246 7.60 33.98 1.61
CA ILE A 246 6.64 33.14 0.86
C ILE A 246 7.34 31.97 0.17
N PHE A 247 6.62 30.85 0.17
CA PHE A 247 6.89 29.65 -0.70
C PHE A 247 5.73 29.61 -1.72
N GLU A 248 5.99 29.83 -3.00
CA GLU A 248 4.93 30.00 -4.01
C GLU A 248 4.92 28.79 -4.91
N ILE A 249 3.75 28.17 -5.01
CA ILE A 249 3.59 26.90 -5.76
C ILE A 249 2.62 27.16 -6.94
N ASP A 250 3.13 26.95 -8.16
CA ASP A 250 2.28 27.13 -9.34
C ASP A 250 1.33 25.96 -9.50
N TYR A 251 1.78 24.72 -9.25
CA TYR A 251 0.88 23.57 -9.36
C TYR A 251 1.47 22.38 -8.62
N VAL A 252 0.58 21.45 -8.30
CA VAL A 252 0.97 20.11 -7.90
C VAL A 252 0.29 19.17 -8.87
N ARG A 253 1.04 18.24 -9.48
CA ARG A 253 0.42 17.23 -10.31
C ARG A 253 0.95 15.84 -9.94
N ILE A 254 0.04 14.84 -9.92
CA ILE A 254 0.47 13.48 -9.63
C ILE A 254 -0.08 12.59 -10.71
N TYR A 255 0.80 11.82 -11.28
CA TYR A 255 0.47 10.87 -12.36
C TYR A 255 0.73 9.44 -11.90
N GLN A 256 -0.03 8.47 -12.41
CA GLN A 256 0.27 7.05 -12.16
C GLN A 256 0.36 6.28 -13.42
N ALA B 9 0.53 -4.14 -20.15
CA ALA B 9 0.78 -2.99 -19.19
C ALA B 9 1.68 -3.42 -17.99
N PHE B 10 1.75 -4.73 -17.78
CA PHE B 10 2.37 -5.39 -16.61
C PHE B 10 3.30 -6.36 -17.26
N ASN B 11 4.47 -5.89 -17.64
CA ASN B 11 5.33 -6.69 -18.53
CA ASN B 11 5.30 -6.74 -18.52
C ASN B 11 6.60 -7.16 -17.83
N THR B 12 6.78 -6.75 -16.57
CA THR B 12 8.00 -7.16 -15.77
C THR B 12 7.71 -8.33 -14.80
N LEU B 13 8.25 -9.49 -15.06
CA LEU B 13 8.03 -10.65 -14.19
C LEU B 13 8.69 -10.37 -12.86
N VAL B 14 7.94 -10.51 -11.77
CA VAL B 14 8.45 -10.24 -10.41
C VAL B 14 8.44 -11.39 -9.44
N PHE B 15 7.67 -12.41 -9.71
CA PHE B 15 7.61 -13.62 -8.89
C PHE B 15 7.07 -14.73 -9.75
N SER B 16 7.66 -15.92 -9.68
CA SER B 16 7.07 -17.04 -10.37
C SER B 16 7.48 -18.35 -9.76
N ASP B 17 6.62 -19.35 -9.93
CA ASP B 17 7.06 -20.74 -9.84
C ASP B 17 6.52 -21.54 -11.04
N GLU B 18 7.42 -22.17 -11.82
CA GLU B 18 7.01 -23.01 -12.98
C GLU B 18 6.84 -24.43 -12.59
N PHE B 19 7.24 -24.70 -11.34
CA PHE B 19 7.05 -26.03 -10.71
C PHE B 19 7.75 -27.10 -11.56
N GLU B 20 8.89 -26.73 -12.15
CA GLU B 20 9.64 -27.66 -13.03
C GLU B 20 10.73 -28.21 -12.17
N TYR B 21 10.41 -28.74 -10.99
CA TYR B 21 11.30 -29.53 -10.12
C TYR B 21 10.52 -30.70 -9.53
N GLU B 22 11.18 -31.49 -8.70
CA GLU B 22 10.57 -32.66 -8.09
CA GLU B 22 10.61 -32.68 -8.07
C GLU B 22 10.72 -32.47 -6.56
N GLY B 23 9.67 -32.79 -5.78
CA GLY B 23 9.75 -32.57 -4.31
C GLY B 23 8.73 -31.66 -3.67
N LYS B 24 9.04 -31.17 -2.48
CA LYS B 24 8.13 -30.23 -1.78
C LYS B 24 8.11 -28.86 -2.45
N PRO B 25 7.01 -28.12 -2.39
CA PRO B 25 6.96 -26.80 -2.97
C PRO B 25 8.19 -25.96 -2.65
N ASP B 26 8.70 -25.19 -3.59
CA ASP B 26 10.03 -24.52 -3.39
C ASP B 26 9.93 -23.71 -2.05
N PRO B 27 10.63 -24.13 -1.00
CA PRO B 27 10.57 -23.30 0.22
C PRO B 27 10.86 -21.82 0.30
N GLU B 28 11.49 -21.21 -0.62
CA GLU B 28 11.85 -19.82 -0.11
C GLU B 28 10.84 -19.15 -1.13
N LYS B 29 9.98 -19.89 -1.89
CA LYS B 29 8.76 -19.27 -2.62
C LYS B 29 7.44 -19.46 -1.86
N TRP B 30 7.33 -20.55 -1.08
CA TRP B 30 6.04 -20.96 -0.55
C TRP B 30 6.14 -21.19 0.93
N HIS B 31 5.26 -20.60 1.70
CA HIS B 31 5.07 -20.88 3.11
C HIS B 31 3.79 -21.71 3.43
N TYR B 32 3.83 -22.64 4.41
CA TYR B 32 2.66 -23.52 4.68
C TYR B 32 1.90 -22.91 5.82
N GLN B 33 0.57 -22.78 5.68
CA GLN B 33 -0.17 -22.56 6.92
C GLN B 33 -0.73 -23.88 7.58
N VAL B 34 -0.50 -24.05 8.89
CA VAL B 34 -0.91 -25.23 9.67
C VAL B 34 -1.71 -24.98 10.94
N ILE B 35 -1.48 -23.81 11.54
CA ILE B 35 -2.16 -23.50 12.78
C ILE B 35 -3.62 -23.00 12.58
N PRO B 36 -4.65 -23.65 13.20
CA PRO B 36 -6.06 -23.16 12.95
C PRO B 36 -6.28 -21.82 13.61
N PRO B 37 -7.05 -20.95 13.00
CA PRO B 37 -7.17 -19.62 13.50
C PRO B 37 -8.28 -19.49 14.53
N ASN B 38 -9.17 -20.49 14.61
CA ASN B 38 -10.41 -20.36 15.36
C ASN B 38 -10.56 -21.59 16.34
N ASN B 39 -9.79 -21.56 17.43
CA ASN B 39 -9.98 -22.50 18.55
C ASN B 39 -9.94 -23.96 18.01
N GLY B 40 -8.89 -24.30 17.25
CA GLY B 40 -8.70 -25.64 16.72
C GLY B 40 -9.34 -25.91 15.40
N SER B 41 -10.03 -24.89 14.82
CA SER B 41 -10.67 -25.13 13.49
C SER B 41 -10.34 -23.95 12.58
N TRP B 42 -10.57 -24.14 11.27
CA TRP B 42 -10.54 -23.07 10.27
C TRP B 42 -11.86 -22.33 10.32
N HIS B 43 -11.93 -21.28 9.46
CA HIS B 43 -13.15 -20.51 9.41
C HIS B 43 -14.22 -21.20 8.56
N ASN B 44 -15.39 -20.55 8.45
CA ASN B 44 -16.39 -20.96 7.47
C ASN B 44 -16.89 -22.37 7.69
N ASN B 45 -16.76 -22.87 8.92
CA ASN B 45 -17.24 -24.23 9.25
C ASN B 45 -16.52 -25.29 8.43
N GLU B 46 -15.32 -24.97 7.96
CA GLU B 46 -14.54 -25.90 7.15
C GLU B 46 -14.10 -27.11 8.01
N LEU B 47 -13.93 -28.23 7.30
CA LEU B 47 -13.74 -29.52 8.03
C LEU B 47 -12.29 -30.00 8.07
N GLN B 48 -11.37 -29.34 7.38
CA GLN B 48 -9.96 -29.83 7.27
C GLN B 48 -9.03 -29.26 8.32
N HIS B 49 -7.92 -30.00 8.52
CA HIS B 49 -6.67 -29.37 9.01
C HIS B 49 -5.76 -29.18 7.79
N TYR B 50 -4.94 -28.15 7.80
CA TYR B 50 -3.95 -27.94 6.75
C TYR B 50 -2.58 -28.38 7.34
N THR B 51 -1.74 -29.04 6.45
CA THR B 51 -0.42 -29.57 6.94
C THR B 51 0.67 -29.12 6.08
N ASN B 52 1.91 -29.38 6.57
CA ASN B 52 3.10 -29.15 5.78
C ASN B 52 3.57 -30.44 5.05
N ARG B 53 2.77 -31.47 5.07
CA ARG B 53 3.27 -32.86 4.63
C ARG B 53 3.28 -33.06 3.11
N SER B 54 4.21 -33.93 2.61
CA SER B 54 4.18 -34.32 1.20
C SER B 54 2.84 -34.91 0.71
N GLU B 55 2.15 -35.59 1.64
CA GLU B 55 0.82 -36.19 1.34
C GLU B 55 -0.14 -35.12 0.80
N ASN B 56 0.02 -33.89 1.30
CA ASN B 56 -0.95 -32.78 0.99
C ASN B 56 -0.40 -31.76 0.00
N SER B 57 0.92 -31.69 -0.25
CA SER B 57 1.40 -30.84 -1.36
C SER B 57 2.74 -31.37 -1.96
N PHE B 58 2.83 -31.41 -3.29
CA PHE B 58 4.07 -31.95 -3.92
C PHE B 58 4.22 -31.50 -5.39
N VAL B 59 5.46 -31.48 -5.90
CA VAL B 59 5.72 -31.01 -7.25
C VAL B 59 6.33 -32.13 -8.04
N SER B 60 5.82 -32.37 -9.26
CA SER B 60 6.35 -33.46 -10.06
C SER B 60 5.80 -33.30 -11.46
N ASP B 61 6.60 -33.69 -12.47
CA ASP B 61 6.11 -33.72 -13.85
C ASP B 61 5.66 -32.35 -14.37
N GLY B 62 6.31 -31.33 -13.84
CA GLY B 62 6.05 -29.92 -14.20
C GLY B 62 4.87 -29.19 -13.57
N THR B 63 4.25 -29.78 -12.56
CA THR B 63 3.08 -29.16 -11.89
C THR B 63 3.11 -29.35 -10.36
N LEU B 64 2.57 -28.35 -9.61
CA LEU B 64 2.33 -28.50 -8.18
C LEU B 64 0.94 -29.20 -7.99
N LYS B 65 0.85 -30.12 -7.03
CA LYS B 65 -0.42 -30.73 -6.69
C LYS B 65 -0.65 -30.41 -5.24
N ILE B 66 -1.80 -29.80 -4.92
CA ILE B 66 -2.30 -29.76 -3.53
C ILE B 66 -3.37 -30.88 -3.40
N ARG B 67 -3.26 -31.70 -2.36
CA ARG B 67 -4.08 -32.91 -2.28
C ARG B 67 -4.85 -32.86 -0.95
N ALA B 68 -6.22 -32.89 -1.09
CA ALA B 68 -7.12 -33.03 0.07
C ALA B 68 -7.42 -34.52 0.27
N ILE B 69 -7.38 -34.96 1.52
CA ILE B 69 -7.50 -36.42 1.87
C ILE B 69 -8.48 -36.58 3.02
N LYS B 70 -9.34 -37.58 2.87
CA LYS B 70 -10.14 -37.99 4.04
C LYS B 70 -9.23 -38.85 4.98
N GLU B 71 -8.91 -38.32 6.17
CA GLU B 71 -7.85 -38.89 7.06
C GLU B 71 -8.13 -38.28 8.41
N LYS B 72 -8.09 -39.05 9.50
CA LYS B 72 -8.12 -38.44 10.83
C LYS B 72 -6.80 -37.80 11.14
N TYR B 73 -6.84 -36.57 11.66
CA TYR B 73 -5.59 -35.85 11.87
C TYR B 73 -5.80 -34.96 13.06
N THR B 74 -4.88 -35.04 14.03
CA THR B 74 -5.01 -34.29 15.23
C THR B 74 -3.84 -33.30 15.34
N PHE B 75 -4.23 -32.05 15.58
CA PHE B 75 -3.27 -30.97 15.75
C PHE B 75 -3.62 -30.27 17.07
N GLU B 76 -2.62 -30.28 17.98
CA GLU B 76 -2.79 -29.69 19.32
C GLU B 76 -4.14 -30.02 19.91
N GLY B 77 -4.49 -31.31 19.86
CA GLY B 77 -5.70 -31.74 20.54
C GLY B 77 -6.96 -31.62 19.72
N SER B 78 -6.88 -31.00 18.53
CA SER B 78 -8.07 -30.85 17.69
C SER B 78 -8.00 -31.88 16.58
N THR B 79 -9.01 -32.75 16.51
CA THR B 79 -9.04 -33.80 15.46
C THR B 79 -9.99 -33.39 14.36
N LYS B 80 -9.50 -33.51 13.13
CA LYS B 80 -10.36 -33.30 11.88
C LYS B 80 -10.39 -34.53 11.09
N ASP B 81 -11.39 -34.60 10.25
CA ASP B 81 -11.57 -35.75 9.34
C ASP B 81 -10.92 -35.61 7.99
N TYR B 82 -10.33 -34.44 7.67
CA TYR B 82 -9.68 -34.24 6.39
C TYR B 82 -8.38 -33.51 6.58
N THR B 83 -7.40 -33.75 5.67
CA THR B 83 -6.22 -32.94 5.62
C THR B 83 -6.09 -32.28 4.25
N SER B 84 -5.38 -31.15 4.23
CA SER B 84 -5.15 -30.52 2.93
C SER B 84 -3.92 -29.62 3.12
N ALA B 85 -3.70 -28.69 2.15
CA ALA B 85 -2.61 -27.71 2.28
C ALA B 85 -3.14 -26.31 1.96
N ARG B 86 -2.60 -25.32 2.62
CA ARG B 86 -2.89 -23.89 2.34
C ARG B 86 -1.55 -23.14 2.32
N LEU B 87 -1.13 -22.83 1.09
CA LEU B 87 0.22 -22.23 0.81
C LEU B 87 0.01 -20.70 0.75
N ASN B 88 1.05 -19.96 1.18
CA ASN B 88 1.04 -18.51 1.10
C ASN B 88 2.35 -18.18 0.37
N SER B 89 2.32 -17.26 -0.62
CA SER B 89 3.58 -16.82 -1.24
C SER B 89 4.46 -16.11 -0.20
N LYS B 90 5.78 -16.46 -0.18
CA LYS B 90 6.80 -15.69 0.55
C LYS B 90 7.19 -14.52 -0.37
N PHE B 91 6.22 -13.65 -0.63
CA PHE B 91 6.30 -12.57 -1.68
C PHE B 91 5.04 -11.77 -1.48
N ALA B 92 5.18 -10.47 -1.34
CA ALA B 92 4.05 -9.55 -1.26
C ALA B 92 4.31 -8.44 -2.25
N PHE B 93 3.23 -7.87 -2.75
CA PHE B 93 3.36 -6.89 -3.83
C PHE B 93 2.14 -6.03 -3.89
N THR B 94 2.28 -4.80 -4.38
CA THR B 94 1.19 -3.87 -4.51
C THR B 94 1.05 -3.58 -6.00
N TYR B 95 -0.11 -4.00 -6.54
CA TYR B 95 -0.52 -3.86 -7.96
C TYR B 95 0.23 -4.86 -8.78
N GLY B 96 -0.38 -5.30 -9.89
CA GLY B 96 0.31 -6.23 -10.77
C GLY B 96 -0.67 -7.15 -11.50
N LYS B 97 -0.14 -8.11 -12.19
CA LYS B 97 -0.93 -9.12 -12.88
C LYS B 97 -0.54 -10.48 -12.41
N VAL B 98 -1.50 -11.22 -11.87
CA VAL B 98 -1.28 -12.56 -11.35
C VAL B 98 -1.88 -13.53 -12.33
N GLU B 99 -1.10 -14.54 -12.74
CA GLU B 99 -1.61 -15.58 -13.62
C GLU B 99 -1.34 -16.93 -12.97
N VAL B 100 -2.38 -17.75 -12.90
CA VAL B 100 -2.20 -19.10 -12.37
C VAL B 100 -2.90 -20.06 -13.34
N ARG B 101 -2.09 -21.02 -13.84
CA ARG B 101 -2.58 -22.05 -14.76
C ARG B 101 -2.81 -23.31 -13.98
N ALA B 102 -4.09 -23.82 -14.02
CA ALA B 102 -4.44 -24.91 -13.08
C ALA B 102 -5.57 -25.78 -13.61
N LYS B 103 -5.66 -26.98 -13.02
CA LYS B 103 -6.80 -27.90 -13.19
C LYS B 103 -7.34 -28.02 -11.72
N LEU B 104 -8.67 -27.95 -11.62
CA LEU B 104 -9.37 -27.82 -10.31
C LEU B 104 -9.84 -29.21 -9.87
N PRO B 105 -10.02 -29.39 -8.59
CA PRO B 105 -10.58 -30.70 -8.15
C PRO B 105 -11.93 -30.92 -8.79
N SER B 106 -12.23 -32.19 -9.10
CA SER B 106 -13.54 -32.53 -9.60
C SER B 106 -14.57 -32.99 -8.60
N LYS B 107 -14.12 -33.44 -7.44
CA LYS B 107 -15.00 -34.16 -6.51
C LYS B 107 -15.84 -33.24 -5.64
N LYS B 108 -17.08 -33.65 -5.37
CA LYS B 108 -18.01 -32.91 -4.52
C LYS B 108 -17.41 -32.69 -3.12
N GLY B 109 -17.66 -31.49 -2.53
CA GLY B 109 -17.26 -31.21 -1.17
C GLY B 109 -15.99 -30.41 -1.16
N THR B 110 -15.26 -30.34 -2.27
CA THR B 110 -13.99 -29.61 -2.36
C THR B 110 -14.26 -28.12 -2.66
N TRP B 111 -13.42 -27.28 -2.06
CA TRP B 111 -13.58 -25.80 -2.15
C TRP B 111 -12.16 -25.24 -2.42
N PRO B 112 -11.70 -25.31 -3.68
CA PRO B 112 -10.35 -24.75 -3.98
C PRO B 112 -10.42 -23.25 -4.05
N ALA B 113 -9.28 -22.62 -3.87
CA ALA B 113 -9.24 -21.18 -4.02
C ALA B 113 -7.83 -20.75 -4.45
N ILE B 114 -7.80 -19.66 -5.23
CA ILE B 114 -6.56 -18.89 -5.57
C ILE B 114 -6.98 -17.46 -5.15
N TRP B 115 -6.29 -16.86 -4.18
CA TRP B 115 -6.79 -15.59 -3.65
C TRP B 115 -5.71 -14.87 -2.95
N THR B 116 -6.03 -13.64 -2.57
CA THR B 116 -5.04 -12.79 -1.88
C THR B 116 -5.56 -12.30 -0.57
N LEU B 117 -4.65 -11.96 0.32
CA LEU B 117 -4.97 -11.22 1.52
C LEU B 117 -3.97 -10.03 1.59
N GLY B 118 -4.44 -8.94 2.21
CA GLY B 118 -3.53 -7.87 2.51
C GLY B 118 -2.45 -8.43 3.42
N ALA B 119 -1.22 -7.98 3.21
CA ALA B 119 -0.04 -8.45 4.04
C ALA B 119 -0.13 -7.91 5.46
N ASN B 120 -1.02 -6.96 5.74
CA ASN B 120 -1.35 -6.53 7.11
C ASN B 120 -2.44 -7.36 7.81
N SER B 121 -2.81 -8.53 7.25
CA SER B 121 -3.84 -9.38 7.83
C SER B 121 -3.44 -9.84 9.24
N ASN B 122 -2.15 -10.10 9.45
CA ASN B 122 -1.74 -10.74 10.70
C ASN B 122 -2.55 -11.99 11.02
N GLU B 123 -2.92 -12.74 10.00
CA GLU B 123 -3.69 -13.97 10.23
C GLU B 123 -2.69 -14.91 11.01
N THR B 124 -3.25 -15.59 12.03
CA THR B 124 -2.51 -16.59 12.83
C THR B 124 -1.74 -17.49 11.91
N GLY B 125 -0.45 -17.67 12.21
CA GLY B 125 0.37 -18.65 11.48
C GLY B 125 0.70 -18.38 9.99
N ASN B 126 0.53 -17.12 9.57
CA ASN B 126 0.94 -16.76 8.26
C ASN B 126 2.44 -16.31 8.31
N TYR B 127 2.95 -15.81 7.20
CA TYR B 127 4.37 -15.53 7.03
C TYR B 127 4.79 -14.14 7.53
N PHE B 128 3.91 -13.16 7.35
CA PHE B 128 4.27 -11.79 7.55
C PHE B 128 4.03 -11.19 8.94
N GLY B 129 3.20 -11.88 9.75
CA GLY B 129 2.72 -11.41 11.06
C GLY B 129 2.35 -9.92 11.11
N GLU B 130 3.01 -9.12 11.95
CA GLU B 130 2.60 -7.72 12.10
C GLU B 130 3.55 -6.77 11.41
N GLN B 131 4.38 -7.27 10.49
CA GLN B 131 5.34 -6.39 9.80
C GLN B 131 4.67 -5.14 9.14
N TYR B 132 3.50 -5.35 8.53
CA TYR B 132 2.84 -4.29 7.75
C TYR B 132 1.81 -3.55 8.51
N GLY B 133 1.31 -4.23 9.54
CA GLY B 133 0.21 -3.73 10.34
C GLY B 133 -0.58 -4.88 10.96
N ASN B 134 -1.78 -4.56 11.39
CA ASN B 134 -2.64 -5.56 12.06
C ASN B 134 -4.10 -5.23 11.78
N ALA B 135 -4.54 -5.48 10.57
CA ALA B 135 -5.89 -5.09 10.08
C ALA B 135 -6.72 -6.37 9.93
N GLU B 136 -7.57 -6.59 10.91
CA GLU B 136 -8.22 -7.87 10.87
C GLU B 136 -9.24 -7.96 9.76
N TRP B 137 -9.24 -9.12 9.08
CA TRP B 137 -10.13 -9.30 7.90
C TRP B 137 -11.54 -8.83 8.32
N PRO B 138 -12.30 -8.10 7.44
CA PRO B 138 -11.98 -7.85 6.03
C PRO B 138 -11.18 -6.57 5.77
N ALA B 139 -10.75 -5.87 6.83
CA ALA B 139 -10.12 -4.51 6.62
C ALA B 139 -8.72 -4.68 6.01
N CYS B 140 -8.10 -5.87 6.06
CA CYS B 140 -6.86 -6.10 5.28
C CYS B 140 -7.14 -6.22 3.78
N GLY B 141 -8.40 -6.53 3.42
CA GLY B 141 -8.75 -6.80 2.07
C GLY B 141 -8.46 -8.23 1.62
N SER B 142 -9.27 -8.71 0.65
CA SER B 142 -8.99 -10.03 0.01
CA SER B 142 -8.98 -9.97 0.01
C SER B 142 -9.56 -9.95 -1.37
N ILE B 143 -8.83 -10.64 -2.29
CA ILE B 143 -9.34 -10.74 -3.65
C ILE B 143 -9.38 -12.23 -3.97
N ASP B 144 -10.54 -12.76 -4.33
CA ASP B 144 -10.65 -14.17 -4.75
CA ASP B 144 -10.64 -14.14 -4.75
C ASP B 144 -10.54 -14.22 -6.25
N ILE B 145 -9.37 -14.67 -6.74
CA ILE B 145 -9.16 -14.77 -8.17
C ILE B 145 -9.95 -15.99 -8.68
N LEU B 146 -9.99 -17.07 -7.89
CA LEU B 146 -10.76 -18.25 -8.32
C LEU B 146 -11.23 -18.89 -7.01
N GLU B 147 -12.53 -19.22 -7.00
CA GLU B 147 -13.06 -20.27 -6.08
C GLU B 147 -14.04 -21.11 -6.88
N GLN B 148 -14.19 -22.39 -6.44
CA GLN B 148 -15.38 -23.12 -6.85
C GLN B 148 -16.03 -23.63 -5.62
N ASN B 149 -17.35 -23.67 -5.61
CA ASN B 149 -18.03 -24.35 -4.52
C ASN B 149 -17.98 -25.88 -4.70
N GLY B 150 -18.50 -26.59 -3.70
CA GLY B 150 -18.35 -28.04 -3.63
C GLY B 150 -19.42 -28.78 -4.44
N TRP B 151 -20.39 -28.11 -5.03
CA TRP B 151 -21.47 -28.83 -5.67
C TRP B 151 -21.58 -28.46 -7.12
N ASP B 152 -21.23 -27.23 -7.56
CA ASP B 152 -21.34 -26.83 -8.94
C ASP B 152 -19.93 -26.68 -9.57
N LYS B 153 -19.43 -27.69 -10.29
CA LYS B 153 -18.07 -27.64 -10.77
C LYS B 153 -18.07 -27.09 -12.24
N GLU B 154 -19.21 -26.57 -12.68
CA GLU B 154 -19.27 -25.91 -14.03
CA GLU B 154 -19.34 -25.94 -14.03
C GLU B 154 -19.38 -24.39 -13.94
N SER B 155 -19.07 -23.83 -12.75
CA SER B 155 -19.04 -22.38 -12.57
C SER B 155 -17.85 -22.03 -11.78
N THR B 156 -17.30 -20.83 -12.02
CA THR B 156 -16.28 -20.34 -11.09
C THR B 156 -16.71 -18.98 -10.53
N ILE B 157 -16.07 -18.63 -9.44
CA ILE B 157 -16.34 -17.42 -8.60
C ILE B 157 -15.15 -16.51 -8.68
N ALA B 158 -15.44 -15.19 -8.81
CA ALA B 158 -14.44 -14.12 -8.48
C ALA B 158 -15.12 -13.29 -7.42
N HIS B 159 -14.36 -12.84 -6.43
CA HIS B 159 -15.03 -12.12 -5.33
C HIS B 159 -14.09 -11.20 -4.62
N PHE B 160 -14.64 -10.21 -3.93
CA PHE B 160 -13.89 -9.20 -3.18
C PHE B 160 -14.45 -9.01 -1.81
N HIS B 161 -13.61 -8.95 -0.79
CA HIS B 161 -14.03 -8.63 0.56
C HIS B 161 -13.16 -7.53 1.07
N TRP B 162 -13.75 -6.43 1.58
CA TRP B 162 -12.93 -5.34 2.05
C TRP B 162 -13.70 -4.47 2.97
N SER B 163 -13.03 -3.45 3.48
CA SER B 163 -13.60 -2.36 4.28
CA SER B 163 -13.74 -2.38 4.13
C SER B 163 -13.39 -1.04 3.53
N ASP B 164 -14.35 -0.14 3.45
CA ASP B 164 -14.06 1.26 3.14
C ASP B 164 -13.38 1.81 4.39
N LEU B 165 -12.10 2.12 4.26
CA LEU B 165 -11.33 2.40 5.50
C LEU B 165 -11.68 3.76 6.14
N ASN B 166 -12.20 4.71 5.40
CA ASN B 166 -12.61 5.98 5.99
C ASN B 166 -13.85 5.84 6.91
N SER B 167 -14.73 4.88 6.60
CA SER B 167 -16.01 4.77 7.28
C SER B 167 -16.08 3.48 8.05
N ASP B 168 -15.15 2.56 7.88
CA ASP B 168 -15.21 1.19 8.40
C ASP B 168 -16.47 0.47 7.93
N GLU B 169 -16.94 0.74 6.73
CA GLU B 169 -18.07 0.00 6.18
C GLU B 169 -17.57 -1.24 5.47
N TYR B 170 -17.95 -2.45 5.91
CA TYR B 170 -17.57 -3.68 5.27
C TYR B 170 -18.33 -3.85 3.95
N GLN B 171 -17.66 -4.45 2.98
CA GLN B 171 -18.18 -4.66 1.63
C GLN B 171 -17.76 -6.01 1.14
N ASN B 172 -18.65 -6.52 0.28
CA ASN B 172 -18.34 -7.75 -0.45
C ASN B 172 -19.18 -7.92 -1.68
N LEU B 173 -18.48 -8.19 -2.77
CA LEU B 173 -19.13 -8.20 -4.10
C LEU B 173 -18.37 -9.16 -4.98
N GLY B 174 -19.05 -9.76 -5.98
CA GLY B 174 -18.23 -10.47 -6.96
C GLY B 174 -19.21 -11.02 -7.99
N GLY B 175 -18.74 -11.96 -8.78
CA GLY B 175 -19.56 -12.57 -9.87
C GLY B 175 -19.15 -14.00 -10.08
N THR B 176 -19.72 -14.57 -11.13
CA THR B 176 -19.46 -15.96 -11.52
C THR B 176 -19.34 -16.03 -13.03
N THR B 177 -18.80 -17.16 -13.49
CA THR B 177 -18.76 -17.38 -14.95
C THR B 177 -18.80 -18.92 -15.17
N PRO B 178 -19.30 -19.36 -16.36
CA PRO B 178 -19.31 -20.83 -16.61
C PRO B 178 -17.89 -21.28 -16.97
N ILE B 179 -17.63 -22.58 -16.68
CA ILE B 179 -16.33 -23.13 -17.09
C ILE B 179 -16.58 -24.55 -17.62
N THR B 180 -15.89 -24.82 -18.75
CA THR B 180 -15.93 -26.10 -19.39
C THR B 180 -14.71 -26.93 -18.92
N ASN B 181 -14.92 -28.14 -18.48
CA ASN B 181 -13.85 -29.07 -18.25
C ASN B 181 -12.82 -28.50 -17.26
N ALA B 182 -13.30 -28.04 -16.10
CA ALA B 182 -12.39 -27.37 -15.15
C ALA B 182 -11.33 -28.29 -14.52
N SER B 183 -11.63 -29.61 -14.40
CA SER B 183 -10.66 -30.52 -13.81
C SER B 183 -9.83 -31.27 -14.89
N GLY B 184 -10.34 -31.32 -16.13
CA GLY B 184 -9.71 -32.10 -17.21
C GLY B 184 -8.81 -31.30 -18.13
N SER B 185 -8.91 -29.96 -18.07
CA SER B 185 -8.13 -29.10 -18.95
C SER B 185 -7.61 -27.94 -18.10
N PHE B 186 -6.38 -27.54 -18.35
CA PHE B 186 -5.81 -26.38 -17.68
C PHE B 186 -6.60 -25.12 -18.17
N HIS B 187 -6.82 -24.18 -17.22
CA HIS B 187 -7.26 -22.85 -17.57
C HIS B 187 -6.32 -21.89 -16.79
N VAL B 188 -6.30 -20.64 -17.24
CA VAL B 188 -5.49 -19.60 -16.58
C VAL B 188 -6.49 -18.68 -15.83
N TYR B 189 -6.24 -18.57 -14.54
CA TYR B 189 -7.05 -17.75 -13.62
C TYR B 189 -6.20 -16.49 -13.36
N SER B 190 -6.71 -15.31 -13.64
CA SER B 190 -5.78 -14.14 -13.53
C SER B 190 -6.47 -12.97 -12.88
N LEU B 191 -5.62 -12.11 -12.37
CA LEU B 191 -6.01 -10.81 -11.80
C LEU B 191 -5.16 -9.71 -12.46
N GLU B 192 -5.77 -8.58 -12.82
CA GLU B 192 -5.04 -7.38 -13.17
C GLU B 192 -5.47 -6.34 -12.15
N TRP B 193 -4.50 -5.80 -11.43
CA TRP B 193 -4.74 -4.95 -10.27
C TRP B 193 -3.90 -3.69 -10.36
N ASN B 194 -4.53 -2.55 -10.42
CA ASN B 194 -3.79 -1.27 -10.30
C ASN B 194 -4.59 -0.33 -9.51
N ALA B 195 -4.13 0.92 -9.47
CA ALA B 195 -4.78 1.88 -8.66
C ALA B 195 -6.18 2.25 -9.07
N SER B 196 -6.51 1.92 -10.35
CA SER B 196 -7.79 2.25 -10.95
CA SER B 196 -7.79 2.30 -10.88
C SER B 196 -8.84 1.16 -10.71
N ALA B 197 -8.45 -0.10 -10.76
CA ALA B 197 -9.44 -1.20 -10.76
C ALA B 197 -8.73 -2.51 -10.49
N MET B 198 -9.56 -3.53 -10.13
CA MET B 198 -9.15 -4.96 -10.02
CA MET B 198 -9.12 -4.94 -10.10
C MET B 198 -10.04 -5.71 -11.03
N LYS B 199 -9.44 -6.49 -11.91
CA LYS B 199 -10.20 -7.24 -12.90
C LYS B 199 -9.77 -8.69 -12.78
N VAL B 200 -10.73 -9.61 -12.57
CA VAL B 200 -10.47 -11.03 -12.49
C VAL B 200 -10.97 -11.72 -13.76
N PHE B 201 -10.12 -12.56 -14.33
CA PHE B 201 -10.44 -13.21 -15.63
C PHE B 201 -10.38 -14.71 -15.47
N LEU B 202 -11.17 -15.37 -16.33
CA LEU B 202 -10.97 -16.83 -16.60
C LEU B 202 -10.59 -16.92 -18.04
N ASP B 203 -9.34 -17.38 -18.28
CA ASP B 203 -8.82 -17.26 -19.68
C ASP B 203 -8.95 -15.80 -20.15
N ASP B 204 -9.65 -15.49 -21.26
CA ASP B 204 -9.80 -14.08 -21.72
C ASP B 204 -11.16 -13.49 -21.31
N THR B 205 -11.92 -14.18 -20.46
CA THR B 205 -13.24 -13.71 -20.11
C THR B 205 -13.20 -12.98 -18.76
N LEU B 206 -13.67 -11.73 -18.77
CA LEU B 206 -13.77 -10.95 -17.51
C LEU B 206 -14.88 -11.50 -16.65
N VAL B 207 -14.51 -11.95 -15.45
CA VAL B 207 -15.54 -12.50 -14.52
C VAL B 207 -16.12 -11.33 -13.71
N TYR B 208 -15.26 -10.47 -13.09
CA TYR B 208 -15.76 -9.31 -12.33
C TYR B 208 -14.68 -8.25 -12.25
N GLU B 209 -15.08 -6.99 -12.25
CA GLU B 209 -14.17 -5.86 -12.11
C GLU B 209 -14.69 -5.01 -10.97
N LEU B 210 -13.79 -4.69 -10.02
CA LEU B 210 -14.18 -3.82 -8.93
C LEU B 210 -13.37 -2.51 -9.10
N LYS B 211 -14.01 -1.37 -9.06
CA LYS B 211 -13.31 -0.09 -9.13
C LYS B 211 -12.49 0.12 -7.85
N ASN B 212 -11.26 0.54 -8.03
CA ASN B 212 -10.40 0.80 -6.87
C ASN B 212 -10.50 2.27 -6.47
N SER B 213 -10.13 2.58 -5.21
CA SER B 213 -10.04 3.97 -4.77
C SER B 213 -9.15 3.97 -3.54
N GLN B 214 -8.77 5.18 -3.15
CA GLN B 214 -7.81 5.31 -2.04
C GLN B 214 -8.27 4.74 -0.75
N ASN B 215 -9.59 4.68 -0.59
CA ASN B 215 -10.26 4.22 0.65
CA ASN B 215 -10.02 4.22 0.77
C ASN B 215 -10.30 2.73 0.80
N THR B 216 -9.83 1.93 -0.14
CA THR B 216 -9.88 0.51 0.02
C THR B 216 -8.55 -0.02 0.55
N PRO B 217 -8.46 -1.30 0.98
CA PRO B 217 -7.22 -1.97 1.30
C PRO B 217 -6.48 -2.57 0.13
N TYR B 218 -6.84 -2.08 -1.07
CA TYR B 218 -6.21 -2.60 -2.31
C TYR B 218 -5.17 -1.62 -2.90
N ASN B 219 -4.48 -0.94 -1.98
CA ASN B 219 -3.38 -0.01 -2.39
C ASN B 219 -2.20 -0.23 -1.46
N ALA B 220 -2.09 -1.42 -0.91
CA ALA B 220 -0.95 -1.81 -0.02
C ALA B 220 -0.67 -3.28 -0.32
N PRO B 221 0.45 -3.82 0.20
CA PRO B 221 0.86 -5.13 -0.34
C PRO B 221 -0.10 -6.25 0.01
N HIS B 222 -0.27 -7.19 -0.96
CA HIS B 222 -0.99 -8.42 -0.67
C HIS B 222 -0.06 -9.58 -0.95
N TYR B 223 -0.44 -10.75 -0.38
CA TYR B 223 0.22 -11.99 -0.74
C TYR B 223 -0.78 -12.99 -1.29
N LEU B 224 -0.28 -14.01 -1.98
CA LEU B 224 -1.15 -15.02 -2.63
C LEU B 224 -1.32 -16.25 -1.77
N LEU B 225 -2.53 -16.80 -1.81
CA LEU B 225 -2.87 -18.06 -1.09
C LEU B 225 -3.43 -19.05 -2.15
N LEU B 226 -3.06 -20.31 -1.90
CA LEU B 226 -3.52 -21.44 -2.69
C LEU B 226 -3.99 -22.51 -1.74
N ASN B 227 -5.21 -23.08 -1.89
CA ASN B 227 -5.63 -24.11 -0.89
C ASN B 227 -6.79 -24.92 -1.47
N ILE B 228 -7.08 -26.06 -0.78
CA ILE B 228 -8.38 -26.71 -1.01
C ILE B 228 -8.98 -26.87 0.39
N ALA B 229 -10.06 -26.13 0.65
CA ALA B 229 -10.85 -26.39 1.87
C ALA B 229 -11.80 -27.57 1.65
N MET B 230 -12.22 -28.23 2.73
CA MET B 230 -13.24 -29.34 2.59
C MET B 230 -14.47 -28.96 3.33
N GLY B 231 -15.62 -29.06 2.72
CA GLY B 231 -16.85 -28.73 3.41
C GLY B 231 -16.92 -27.23 3.75
N GLY B 232 -17.65 -26.94 4.81
CA GLY B 232 -17.79 -25.49 5.19
C GLY B 232 -18.78 -24.83 4.23
N THR B 233 -18.87 -23.50 4.36
CA THR B 233 -19.92 -22.70 3.67
CA THR B 233 -20.03 -22.82 3.73
C THR B 233 -20.03 -23.06 2.20
N LEU B 234 -18.92 -23.00 1.44
CA LEU B 234 -19.02 -23.21 0.01
C LEU B 234 -18.57 -24.62 -0.37
N GLY B 235 -17.97 -25.42 0.52
CA GLY B 235 -17.70 -26.82 0.15
C GLY B 235 -18.97 -27.68 0.20
N GLY B 236 -19.89 -27.42 1.14
CA GLY B 236 -21.10 -28.24 1.18
C GLY B 236 -20.82 -29.68 1.56
N ASP B 237 -21.72 -30.56 1.11
CA ASP B 237 -21.64 -31.96 1.48
C ASP B 237 -20.52 -32.67 0.84
N ILE B 238 -19.82 -33.50 1.61
CA ILE B 238 -18.72 -34.34 1.09
C ILE B 238 -19.23 -35.77 1.05
N PRO B 239 -18.98 -36.44 -0.08
CA PRO B 239 -19.49 -37.85 -0.15
C PRO B 239 -18.91 -38.70 0.95
N GLU B 240 -19.68 -39.67 1.43
CA GLU B 240 -19.24 -40.48 2.54
C GLU B 240 -18.01 -41.32 2.18
N ASN B 241 -17.79 -41.62 0.90
CA ASN B 241 -16.70 -42.43 0.51
C ASN B 241 -15.57 -41.64 -0.16
N PHE B 242 -15.52 -40.32 0.08
CA PHE B 242 -14.41 -39.52 -0.41
C PHE B 242 -13.09 -40.08 0.01
N THR B 243 -12.15 -40.14 -0.94
CA THR B 243 -10.78 -40.63 -0.63
C THR B 243 -9.84 -39.40 -0.64
N ASP B 244 -9.53 -38.91 -1.83
CA ASP B 244 -8.60 -37.78 -1.93
C ASP B 244 -8.92 -37.04 -3.24
N ASP B 245 -8.45 -35.81 -3.36
CA ASP B 245 -8.63 -35.11 -4.62
C ASP B 245 -7.51 -34.06 -4.77
N ILE B 246 -7.20 -33.70 -6.01
CA ILE B 246 -6.02 -32.86 -6.39
C ILE B 246 -6.41 -31.52 -7.01
N PHE B 247 -5.70 -30.47 -6.63
CA PHE B 247 -5.78 -29.16 -7.32
C PHE B 247 -4.35 -29.10 -7.98
N GLU B 248 -4.30 -29.05 -9.31
CA GLU B 248 -3.01 -29.17 -10.04
C GLU B 248 -2.68 -27.85 -10.70
N ILE B 249 -1.51 -27.31 -10.32
CA ILE B 249 -1.14 -25.97 -10.75
C ILE B 249 0.17 -26.04 -11.61
N ASP B 250 0.07 -25.63 -12.87
CA ASP B 250 1.18 -25.63 -13.87
C ASP B 250 2.21 -24.52 -13.48
N TYR B 251 1.74 -23.32 -13.09
CA TYR B 251 2.65 -22.23 -12.74
C TYR B 251 1.86 -21.13 -12.02
N VAL B 252 2.59 -20.35 -11.29
CA VAL B 252 2.14 -19.03 -10.75
C VAL B 252 3.09 -18.00 -11.36
N ARG B 253 2.58 -16.92 -11.96
CA ARG B 253 3.45 -15.84 -12.49
C ARG B 253 2.80 -14.54 -11.98
N ILE B 254 3.64 -13.65 -11.47
CA ILE B 254 3.20 -12.30 -11.07
C ILE B 254 4.05 -11.25 -11.81
N TYR B 255 3.41 -10.35 -12.52
CA TYR B 255 4.06 -9.29 -13.24
C TYR B 255 3.75 -7.95 -12.65
N GLN B 256 4.68 -7.00 -12.72
CA GLN B 256 4.33 -5.60 -12.47
C GLN B 256 4.66 -4.67 -13.65
C1 GLC C . 12.15 15.42 6.84
C2 GLC C . 12.11 15.29 8.35
C3 GLC C . 10.83 15.81 9.00
C4 GLC C . 10.69 17.24 8.49
C5 GLC C . 10.42 17.11 7.03
C6 GLC C . 10.12 18.44 6.29
O1 GLC C . 11.20 14.51 6.29
O2 GLC C . 12.32 13.92 8.63
O3 GLC C . 10.92 15.80 10.46
O4 GLC C . 9.53 17.77 9.10
O5 GLC C . 11.63 16.63 6.39
O6 GLC C . 11.26 19.37 6.45
C2 BGC C . 10.65 14.70 12.53
C3 BGC C . 9.93 13.57 13.19
C4 BGC C . 8.42 13.58 12.86
C5 BGC C . 8.27 13.48 11.31
C6 BGC C . 6.83 13.58 10.84
C1 BGC C . 10.33 14.62 11.05
O2 BGC C . 12.03 14.61 12.71
O3 BGC C . 9.99 13.84 14.63
O4 BGC C . 7.75 12.40 13.36
O5 BGC C . 8.93 14.67 10.81
O6 BGC C . 6.23 14.86 11.28
C2 BGC C . 11.00 13.25 16.74
C3 BGC C . 11.16 12.01 17.63
C4 BGC C . 9.83 11.35 17.90
C5 BGC C . 9.23 10.91 16.55
C6 BGC C . 7.79 10.45 16.70
C1 BGC C . 10.37 12.68 15.45
O2 BGC C . 12.26 13.76 16.39
O3 BGC C . 11.75 12.45 18.84
O4 BGC C . 10.00 10.09 18.57
O5 BGC C . 9.11 12.09 15.75
O6 BGC C . 7.52 9.92 15.41
C2 BGC D . -13.65 -15.84 1.96
C3 BGC D . -12.57 -16.54 2.79
C4 BGC D . -12.23 -17.90 2.16
C5 BGC D . -11.57 -17.53 0.84
C6 BGC D . -10.97 -18.68 0.07
C1 BGC D . -12.99 -15.68 0.57
O1 BGC D . -13.77 -14.99 -0.35
O2 BGC D . -13.87 -14.55 2.42
O3 BGC D . -13.00 -16.83 4.12
O4 BGC D . -11.36 -18.64 3.03
O5 BGC D . -12.58 -16.93 0.03
O6 BGC D . -12.08 -19.62 -0.14
C2 BGC D . -13.37 -16.06 6.38
C3 BGC D . -12.85 -15.07 7.41
C4 BGC D . -11.33 -15.05 7.48
C5 BGC D . -10.78 -14.84 6.07
C6 BGC D . -9.25 -14.98 6.01
C1 BGC D . -12.67 -15.80 5.05
O2 BGC D . -14.75 -15.99 6.19
O3 BGC D . -13.42 -15.48 8.64
O4 BGC D . -10.88 -14.00 8.33
O5 BGC D . -11.25 -15.92 5.23
O6 BGC D . -8.77 -16.28 6.47
C2 BGC D . -15.09 -15.06 10.38
C3 BGC D . -15.55 -14.00 11.35
C4 BGC D . -14.33 -13.42 12.03
C5 BGC D . -13.40 -12.88 10.94
C6 BGC D . -12.15 -12.23 11.55
C1 BGC D . -14.05 -14.47 9.41
O2 BGC D . -16.22 -15.52 9.61
O3 BGC D . -16.34 -14.69 12.33
O4 BGC D . -14.81 -12.28 12.76
O5 BGC D . -12.94 -13.99 10.18
O6 BGC D . -11.16 -11.85 10.56
C2 BGC D . -18.59 -15.36 12.96
C3 BGC D . -20.10 -14.95 13.01
C4 BGC D . -20.36 -13.41 13.13
C5 BGC D . -19.43 -12.61 12.19
C6 BGC D . -19.60 -11.09 12.34
C1 BGC D . -17.74 -14.35 12.15
O2 BGC D . -18.40 -16.66 12.37
O3 BGC D . -20.82 -15.70 13.98
O4 BGC D . -21.70 -13.04 12.82
O5 BGC D . -18.06 -12.97 12.45
O6 BGC D . -19.30 -10.88 13.71
CA CA E . -0.93 27.66 -11.39
NA NA F . -12.36 -0.88 8.62
CA CA G . 4.85 -26.02 -14.88
C2 BGC H . -13.34 -15.82 1.81
C3 BGC H . -12.43 -16.59 2.76
C4 BGC H . -12.11 -17.92 2.04
C5 BGC H . -11.40 -17.66 0.68
C6 BGC H . -10.97 -18.85 -0.18
C1 BGC H . -12.33 -15.64 0.69
O1 BGC H . -11.80 -14.42 0.36
O2 BGC H . -13.70 -14.58 2.32
O3 BGC H . -13.01 -16.81 4.07
O4 BGC H . -11.21 -18.71 2.84
O5 BGC H . -12.15 -16.76 -0.16
O6 BGC H . -12.12 -19.63 -0.53
#